data_6FQO
#
_entry.id   6FQO
#
_cell.length_a   50.736
_cell.length_b   43.664
_cell.length_c   51.301
_cell.angle_alpha   90.00
_cell.angle_beta   99.42
_cell.angle_gamma   90.00
#
_symmetry.space_group_name_H-M   'P 1 21 1'
#
loop_
_entity.id
_entity.type
_entity.pdbx_description
1 polymer 'CREB-binding protein'
2 non-polymer ~{N}-[3-(2,5-dimethyl-3-oxidanylidene-1,2-oxazol-4-yl)-5-(5-ethanoyl-2-ethoxy-phenyl)phenyl]furan-2-carboxamide
3 non-polymer 1,2-ETHANEDIOL
4 water water
#
_entity_poly.entity_id   1
_entity_poly.type   'polypeptide(L)'
_entity_poly.pdbx_seq_one_letter_code
;SMRKKIFKPEELRQALMPTLEALYRQDPESLPFRQPVDPQLLGIPDYFDIVKNPMDLSTIKRKLDTGQYQEPWQYVDDVW
LMFNNAWLYNRKTSRVYKFCSKLAEVFEQEIDPVMQSLG
;
_entity_poly.pdbx_strand_id   A,B
#
loop_
_chem_comp.id
_chem_comp.type
_chem_comp.name
_chem_comp.formula
E2T non-polymer ~{N}-[3-(2,5-dimethyl-3-oxidanylidene-1,2-oxazol-4-yl)-5-(5-ethanoyl-2-ethoxy-phenyl)phenyl]furan-2-carboxamide 'C26 H24 N2 O6'
EDO non-polymer 1,2-ETHANEDIOL 'C2 H6 O2'
#
# COMPACT_ATOMS: atom_id res chain seq x y z
N LYS A 5 16.99 -23.16 11.48
CA LYS A 5 18.15 -22.78 10.67
C LYS A 5 18.20 -21.27 10.49
N ILE A 6 19.18 -20.81 9.71
CA ILE A 6 19.33 -19.40 9.36
C ILE A 6 18.82 -19.20 7.94
N PHE A 7 17.99 -18.18 7.76
CA PHE A 7 17.32 -17.95 6.48
C PHE A 7 17.87 -16.69 5.81
N LYS A 8 18.13 -16.79 4.52
CA LYS A 8 18.54 -15.62 3.76
C LYS A 8 17.30 -14.82 3.35
N PRO A 9 17.38 -13.49 3.33
CA PRO A 9 16.19 -12.69 2.96
C PRO A 9 15.61 -13.05 1.61
N GLU A 10 16.45 -13.29 0.61
N GLU A 10 16.44 -13.30 0.59
CA GLU A 10 15.98 -13.67 -0.72
CA GLU A 10 15.89 -13.65 -0.71
C GLU A 10 15.27 -15.01 -0.70
C GLU A 10 15.25 -15.03 -0.71
N GLU A 11 15.75 -15.94 0.13
CA GLU A 11 15.09 -17.24 0.28
C GLU A 11 13.69 -17.07 0.86
N LEU A 12 13.57 -16.26 1.90
CA LEU A 12 12.25 -16.04 2.49
C LEU A 12 11.33 -15.36 1.50
N ARG A 13 11.85 -14.38 0.76
CA ARG A 13 11.00 -13.64 -0.15
C ARG A 13 10.48 -14.54 -1.26
N GLN A 14 11.36 -15.34 -1.88
CA GLN A 14 10.92 -16.17 -2.99
C GLN A 14 9.92 -17.22 -2.52
N ALA A 15 10.12 -17.76 -1.32
CA ALA A 15 9.25 -18.81 -0.83
C ALA A 15 7.91 -18.26 -0.37
N LEU A 16 7.91 -17.10 0.30
CA LEU A 16 6.71 -16.63 0.98
C LEU A 16 5.88 -15.67 0.16
N MET A 17 6.49 -14.91 -0.75
CA MET A 17 5.71 -13.94 -1.53
C MET A 17 4.51 -14.54 -2.25
N PRO A 18 4.55 -15.75 -2.81
CA PRO A 18 3.33 -16.34 -3.40
C PRO A 18 2.17 -16.48 -2.41
N THR A 19 2.45 -16.79 -1.14
CA THR A 19 1.34 -16.85 -0.18
C THR A 19 0.76 -15.48 0.09
N LEU A 20 1.58 -14.43 0.05
CA LEU A 20 1.07 -13.09 0.21
C LEU A 20 0.28 -12.65 -1.03
N GLU A 21 0.79 -12.98 -2.21
CA GLU A 21 0.08 -12.60 -3.42
C GLU A 21 -1.26 -13.31 -3.55
N ALA A 22 -1.37 -14.54 -3.02
CA ALA A 22 -2.66 -15.21 -2.98
C ALA A 22 -3.68 -14.40 -2.19
N LEU A 23 -3.24 -13.68 -1.14
CA LEU A 23 -4.17 -12.82 -0.43
C LEU A 23 -4.54 -11.60 -1.26
N TYR A 24 -3.54 -10.93 -1.86
CA TYR A 24 -3.80 -9.78 -2.71
C TYR A 24 -4.75 -10.10 -3.86
N ARG A 25 -4.69 -11.32 -4.40
CA ARG A 25 -5.52 -11.62 -5.56
C ARG A 25 -7.00 -11.78 -5.21
N GLN A 26 -7.34 -11.91 -3.93
CA GLN A 26 -8.74 -11.96 -3.54
C GLN A 26 -9.35 -10.57 -3.70
N ASP A 27 -10.28 -10.43 -4.65
CA ASP A 27 -10.96 -9.17 -4.91
C ASP A 27 -12.45 -9.52 -4.83
N PRO A 28 -13.23 -8.85 -3.97
CA PRO A 28 -12.90 -7.66 -3.18
C PRO A 28 -12.30 -7.91 -1.79
N GLU A 29 -12.07 -9.17 -1.42
CA GLU A 29 -11.85 -9.46 -0.01
C GLU A 29 -10.55 -8.89 0.54
N SER A 30 -9.54 -8.65 -0.31
CA SER A 30 -8.30 -8.06 0.19
C SER A 30 -8.36 -6.55 0.28
N LEU A 31 -9.39 -5.92 -0.30
CA LEU A 31 -9.40 -4.46 -0.35
C LEU A 31 -9.31 -3.78 1.01
N PRO A 32 -9.94 -4.29 2.08
CA PRO A 32 -9.79 -3.62 3.38
C PRO A 32 -8.39 -3.72 3.97
N PHE A 33 -7.50 -4.53 3.38
CA PHE A 33 -6.27 -4.95 4.02
C PHE A 33 -5.03 -4.54 3.24
N ARG A 34 -5.18 -3.91 2.07
CA ARG A 34 -4.03 -3.61 1.23
C ARG A 34 -3.18 -2.46 1.74
N GLN A 35 -3.76 -1.53 2.48
CA GLN A 35 -3.05 -0.39 3.04
C GLN A 35 -3.38 -0.30 4.52
N PRO A 36 -2.60 0.45 5.28
CA PRO A 36 -2.88 0.56 6.72
C PRO A 36 -4.21 1.25 6.96
N VAL A 37 -4.86 0.84 8.04
CA VAL A 37 -6.07 1.51 8.50
C VAL A 37 -5.73 2.91 8.94
N ASP A 38 -6.38 3.90 8.31
CA ASP A 38 -6.35 5.28 8.77
C ASP A 38 -7.74 5.59 9.30
N PRO A 39 -7.92 5.66 10.62
CA PRO A 39 -9.29 5.82 11.15
C PRO A 39 -9.96 7.10 10.73
N GLN A 40 -9.19 8.15 10.44
CA GLN A 40 -9.78 9.40 9.95
C GLN A 40 -10.32 9.26 8.53
N LEU A 41 -9.53 8.67 7.64
CA LEU A 41 -9.99 8.44 6.28
C LEU A 41 -11.16 7.47 6.23
N LEU A 42 -11.18 6.49 7.13
CA LEU A 42 -12.23 5.48 7.10
C LEU A 42 -13.46 5.86 7.90
N GLY A 43 -13.36 6.86 8.77
CA GLY A 43 -14.48 7.26 9.60
C GLY A 43 -14.79 6.27 10.71
N ILE A 44 -13.75 5.73 11.35
CA ILE A 44 -13.86 4.78 12.46
C ILE A 44 -12.92 5.23 13.59
N PRO A 45 -13.26 6.29 14.33
CA PRO A 45 -12.28 6.91 15.24
C PRO A 45 -11.87 6.06 16.45
N ASP A 46 -12.62 5.02 16.82
CA ASP A 46 -12.30 4.19 17.98
C ASP A 46 -11.29 3.08 17.67
N TYR A 47 -10.72 3.08 16.47
CA TYR A 47 -10.00 1.91 15.99
C TYR A 47 -8.78 1.59 16.85
N PHE A 48 -7.93 2.60 17.11
CA PHE A 48 -6.69 2.35 17.85
C PHE A 48 -6.93 2.13 19.34
N ASP A 49 -8.13 2.45 19.85
CA ASP A 49 -8.45 2.07 21.22
C ASP A 49 -8.59 0.55 21.34
N ILE A 50 -8.98 -0.09 20.25
CA ILE A 50 -9.24 -1.52 20.23
C ILE A 50 -8.07 -2.29 19.63
N VAL A 51 -7.49 -1.76 18.55
CA VAL A 51 -6.40 -2.40 17.83
C VAL A 51 -5.11 -1.68 18.19
N LYS A 52 -4.33 -2.30 19.07
CA LYS A 52 -3.13 -1.66 19.59
C LYS A 52 -1.86 -2.02 18.84
N ASN A 53 -1.89 -3.08 18.03
N ASN A 53 -1.91 -3.05 17.99
CA ASN A 53 -0.75 -3.52 17.23
CA ASN A 53 -0.76 -3.52 17.24
C ASN A 53 -1.22 -3.70 15.80
C ASN A 53 -1.21 -3.69 15.79
N PRO A 54 -1.36 -2.60 15.05
CA PRO A 54 -1.92 -2.70 13.69
C PRO A 54 -1.00 -3.43 12.73
N MET A 55 -1.61 -4.00 11.68
CA MET A 55 -0.85 -4.70 10.65
C MET A 55 -1.70 -4.74 9.38
N ASP A 56 -1.04 -4.73 8.23
CA ASP A 56 -1.75 -4.74 6.95
C ASP A 56 -0.83 -5.34 5.88
N LEU A 57 -1.42 -5.59 4.71
CA LEU A 57 -0.66 -6.27 3.65
C LEU A 57 0.52 -5.44 3.15
N SER A 58 0.37 -4.11 3.05
CA SER A 58 1.47 -3.29 2.55
C SER A 58 2.69 -3.35 3.47
N THR A 59 2.45 -3.40 4.77
CA THR A 59 3.55 -3.52 5.72
C THR A 59 4.24 -4.86 5.60
N ILE A 60 3.45 -5.94 5.48
CA ILE A 60 4.02 -7.27 5.33
C ILE A 60 4.81 -7.37 4.04
N LYS A 61 4.24 -6.84 2.94
CA LYS A 61 4.93 -6.90 1.67
C LYS A 61 6.26 -6.15 1.71
N ARG A 62 6.26 -4.94 2.28
CA ARG A 62 7.51 -4.19 2.38
C ARG A 62 8.52 -4.90 3.26
N LYS A 63 8.07 -5.47 4.39
CA LYS A 63 8.98 -6.18 5.27
C LYS A 63 9.62 -7.37 4.54
N LEU A 64 8.81 -8.12 3.80
CA LEU A 64 9.32 -9.27 3.05
C LEU A 64 10.25 -8.81 1.92
N ASP A 65 9.92 -7.71 1.26
CA ASP A 65 10.72 -7.24 0.14
C ASP A 65 12.08 -6.72 0.58
N THR A 66 12.16 -6.18 1.79
CA THR A 66 13.36 -5.48 2.26
C THR A 66 14.09 -6.23 3.36
N GLY A 67 13.79 -7.51 3.55
CA GLY A 67 14.57 -8.35 4.44
C GLY A 67 14.36 -8.13 5.93
N GLN A 68 13.18 -7.65 6.32
CA GLN A 68 12.95 -7.34 7.72
C GLN A 68 12.58 -8.57 8.55
N TYR A 69 12.35 -9.71 7.90
CA TYR A 69 12.02 -10.96 8.59
C TYR A 69 13.27 -11.83 8.66
N GLN A 70 13.60 -12.30 9.85
CA GLN A 70 14.74 -13.19 10.02
C GLN A 70 14.38 -14.65 9.78
N GLU A 71 13.12 -15.02 9.99
CA GLU A 71 12.71 -16.41 9.86
C GLU A 71 11.21 -16.44 9.58
N PRO A 72 10.71 -17.52 8.97
CA PRO A 72 9.38 -17.43 8.33
C PRO A 72 8.22 -17.28 9.30
N TRP A 73 8.35 -17.75 10.54
CA TRP A 73 7.23 -17.60 11.47
C TRP A 73 6.98 -16.15 11.85
N GLN A 74 7.95 -15.26 11.66
CA GLN A 74 7.68 -13.84 11.89
C GLN A 74 6.70 -13.31 10.86
N TYR A 75 6.82 -13.78 9.61
CA TYR A 75 5.87 -13.41 8.57
C TYR A 75 4.48 -13.97 8.86
N VAL A 76 4.41 -15.25 9.26
CA VAL A 76 3.14 -15.86 9.61
C VAL A 76 2.47 -15.11 10.74
N ASP A 77 3.25 -14.72 11.75
CA ASP A 77 2.75 -13.96 12.90
C ASP A 77 2.11 -12.66 12.44
N ASP A 78 2.76 -11.95 11.52
CA ASP A 78 2.20 -10.69 11.05
C ASP A 78 0.90 -10.89 10.27
N VAL A 79 0.84 -11.92 9.43
CA VAL A 79 -0.39 -12.20 8.70
C VAL A 79 -1.55 -12.46 9.68
N TRP A 80 -1.31 -13.32 10.68
CA TRP A 80 -2.37 -13.62 11.62
C TRP A 80 -2.69 -12.42 12.50
N LEU A 81 -1.71 -11.57 12.80
CA LEU A 81 -2.02 -10.34 13.54
C LEU A 81 -3.00 -9.47 12.75
N MET A 82 -2.78 -9.34 11.45
CA MET A 82 -3.71 -8.62 10.60
C MET A 82 -5.11 -9.23 10.66
N PHE A 83 -5.22 -10.56 10.54
CA PHE A 83 -6.53 -11.21 10.61
C PHE A 83 -7.16 -10.98 11.98
N ASN A 84 -6.39 -11.22 13.04
CA ASN A 84 -6.94 -11.13 14.39
C ASN A 84 -7.42 -9.72 14.70
N ASN A 85 -6.67 -8.71 14.25
CA ASN A 85 -7.11 -7.33 14.44
C ASN A 85 -8.47 -7.10 13.79
N ALA A 86 -8.65 -7.60 12.57
CA ALA A 86 -9.90 -7.35 11.85
C ALA A 86 -11.05 -8.12 12.49
N TRP A 87 -10.79 -9.34 12.96
CA TRP A 87 -11.84 -10.08 13.64
C TRP A 87 -12.17 -9.45 14.99
N LEU A 88 -11.19 -8.79 15.63
CA LEU A 88 -11.45 -8.13 16.90
C LEU A 88 -12.27 -6.87 16.69
N TYR A 89 -11.90 -6.05 15.71
CA TYR A 89 -12.51 -4.74 15.57
C TYR A 89 -13.86 -4.82 14.90
N ASN A 90 -14.00 -5.64 13.87
CA ASN A 90 -15.21 -5.65 13.07
C ASN A 90 -16.22 -6.66 13.64
N ARG A 91 -17.50 -6.34 13.48
CA ARG A 91 -18.55 -7.22 14.01
C ARG A 91 -18.64 -8.49 13.17
N LYS A 92 -19.09 -9.57 13.80
CA LYS A 92 -19.13 -10.86 13.11
C LYS A 92 -20.03 -10.82 11.89
N THR A 93 -21.07 -9.99 11.89
CA THR A 93 -21.96 -9.88 10.75
C THR A 93 -21.48 -8.87 9.72
N SER A 94 -20.32 -8.25 9.91
CA SER A 94 -19.90 -7.18 9.02
C SER A 94 -19.17 -7.71 7.78
N ARG A 95 -19.22 -6.89 6.73
CA ARG A 95 -18.54 -7.21 5.48
C ARG A 95 -17.05 -7.42 5.70
N VAL A 96 -16.40 -6.53 6.46
CA VAL A 96 -14.95 -6.63 6.59
C VAL A 96 -14.57 -7.90 7.35
N TYR A 97 -15.36 -8.28 8.35
CA TYR A 97 -15.11 -9.53 9.07
C TYR A 97 -15.19 -10.72 8.13
N LYS A 98 -16.23 -10.75 7.29
CA LYS A 98 -16.39 -11.85 6.35
C LYS A 98 -15.25 -11.87 5.34
N PHE A 99 -14.82 -10.69 4.86
CA PHE A 99 -13.69 -10.63 3.95
C PHE A 99 -12.44 -11.20 4.62
N CYS A 100 -12.21 -10.83 5.89
CA CYS A 100 -11.07 -11.36 6.63
C CYS A 100 -11.11 -12.88 6.68
N SER A 101 -12.29 -13.45 6.96
CA SER A 101 -12.38 -14.90 7.06
C SER A 101 -12.03 -15.58 5.73
N LYS A 102 -12.42 -14.96 4.61
CA LYS A 102 -12.02 -15.49 3.31
C LYS A 102 -10.50 -15.48 3.14
N LEU A 103 -9.85 -14.37 3.49
CA LEU A 103 -8.39 -14.32 3.40
C LEU A 103 -7.75 -15.39 4.28
N ALA A 104 -8.28 -15.58 5.49
CA ALA A 104 -7.68 -16.58 6.37
C ALA A 104 -7.83 -17.98 5.79
N GLU A 105 -8.96 -18.25 5.13
CA GLU A 105 -9.16 -19.55 4.49
C GLU A 105 -8.11 -19.76 3.40
N VAL A 106 -7.91 -18.75 2.56
CA VAL A 106 -6.90 -18.82 1.50
C VAL A 106 -5.51 -19.00 2.10
N PHE A 107 -5.18 -18.21 3.13
CA PHE A 107 -3.83 -18.29 3.71
C PHE A 107 -3.57 -19.67 4.28
N GLU A 108 -4.56 -20.25 4.98
CA GLU A 108 -4.38 -21.57 5.56
C GLU A 108 -4.07 -22.61 4.48
N GLN A 109 -4.70 -22.48 3.30
CA GLN A 109 -4.44 -23.42 2.22
C GLN A 109 -3.04 -23.25 1.66
N GLU A 110 -2.54 -22.02 1.60
CA GLU A 110 -1.28 -21.74 0.92
C GLU A 110 -0.06 -21.93 1.81
N ILE A 111 -0.19 -21.66 3.11
CA ILE A 111 1.01 -21.48 3.94
C ILE A 111 1.67 -22.80 4.31
N ASP A 112 0.90 -23.86 4.57
CA ASP A 112 1.54 -25.05 5.15
C ASP A 112 2.56 -25.73 4.25
N PRO A 113 2.29 -25.98 2.96
CA PRO A 113 3.34 -26.56 2.11
C PRO A 113 4.56 -25.68 1.98
N VAL A 114 4.39 -24.36 2.02
CA VAL A 114 5.53 -23.46 1.94
C VAL A 114 6.37 -23.56 3.21
N MET A 115 5.73 -23.56 4.38
CA MET A 115 6.49 -23.68 5.63
C MET A 115 7.20 -25.02 5.72
N GLN A 116 6.60 -26.08 5.19
CA GLN A 116 7.27 -27.39 5.20
C GLN A 116 8.50 -27.38 4.30
N SER A 117 8.40 -26.74 3.13
CA SER A 117 9.53 -26.66 2.23
C SER A 117 10.66 -25.81 2.80
N LEU A 118 10.33 -24.84 3.65
CA LEU A 118 11.34 -24.08 4.38
C LEU A 118 11.68 -24.86 5.65
N GLY A 119 12.69 -24.39 6.38
CA GLY A 119 13.09 -25.04 7.62
N SER B 1 24.87 -3.73 11.01
CA SER B 1 24.30 -3.12 9.82
C SER B 1 23.64 -4.16 8.93
N MET B 2 22.40 -3.89 8.51
CA MET B 2 21.64 -4.81 7.70
C MET B 2 21.88 -4.57 6.22
N ARG B 3 21.93 -5.66 5.45
CA ARG B 3 22.11 -5.55 4.01
C ARG B 3 20.82 -5.04 3.37
N LYS B 4 20.96 -4.02 2.53
CA LYS B 4 19.84 -3.47 1.78
C LYS B 4 20.24 -3.40 0.31
N LYS B 5 19.27 -3.63 -0.57
CA LYS B 5 19.55 -3.56 -1.99
C LYS B 5 19.84 -2.13 -2.41
N ILE B 6 20.80 -1.98 -3.31
CA ILE B 6 21.14 -0.68 -3.88
C ILE B 6 20.35 -0.52 -5.17
N PHE B 7 19.80 0.68 -5.39
CA PHE B 7 18.97 0.96 -6.55
C PHE B 7 19.53 2.14 -7.31
N LYS B 8 19.83 1.92 -8.59
CA LYS B 8 20.30 3.02 -9.42
C LYS B 8 19.13 3.90 -9.86
N PRO B 9 19.31 5.23 -9.81
CA PRO B 9 18.19 6.11 -10.18
C PRO B 9 17.66 5.88 -11.58
N GLU B 10 18.54 5.62 -12.56
CA GLU B 10 18.07 5.33 -13.90
C GLU B 10 17.27 4.04 -13.94
N GLU B 11 17.71 3.02 -13.22
CA GLU B 11 16.94 1.79 -13.12
C GLU B 11 15.61 2.02 -12.42
N LEU B 12 15.61 2.85 -11.37
CA LEU B 12 14.35 3.17 -10.70
C LEU B 12 13.40 3.91 -11.61
N ARG B 13 13.92 4.90 -12.35
CA ARG B 13 13.08 5.63 -13.29
C ARG B 13 12.50 4.69 -14.35
N GLN B 14 13.36 3.85 -14.93
CA GLN B 14 12.89 2.97 -15.99
C GLN B 14 11.79 2.05 -15.51
N ALA B 15 11.92 1.50 -14.30
CA ALA B 15 10.93 0.56 -13.80
C ALA B 15 9.66 1.27 -13.32
N LEU B 16 9.80 2.42 -12.69
CA LEU B 16 8.67 3.08 -12.03
C LEU B 16 7.92 4.06 -12.92
N MET B 17 8.60 4.74 -13.84
CA MET B 17 7.91 5.73 -14.67
C MET B 17 6.67 5.21 -15.40
N PRO B 18 6.66 3.98 -15.96
CA PRO B 18 5.42 3.48 -16.56
C PRO B 18 4.23 3.46 -15.60
N THR B 19 4.46 3.22 -14.31
CA THR B 19 3.35 3.27 -13.37
C THR B 19 2.85 4.69 -13.18
N LEU B 20 3.74 5.68 -13.22
CA LEU B 20 3.31 7.07 -13.14
C LEU B 20 2.62 7.50 -14.43
N GLU B 21 3.14 7.06 -15.58
CA GLU B 21 2.48 7.34 -16.86
C GLU B 21 1.07 6.78 -16.86
N ALA B 22 0.85 5.62 -16.25
CA ALA B 22 -0.48 5.05 -16.19
C ALA B 22 -1.44 5.97 -15.45
N LEU B 23 -0.96 6.70 -14.43
CA LEU B 23 -1.80 7.65 -13.74
C LEU B 23 -2.11 8.86 -14.63
N TYR B 24 -1.07 9.44 -15.26
CA TYR B 24 -1.29 10.57 -16.16
C TYR B 24 -2.24 10.22 -17.30
N ARG B 25 -2.19 8.98 -17.78
CA ARG B 25 -3.03 8.56 -18.90
C ARG B 25 -4.52 8.65 -18.55
N GLN B 26 -4.86 8.57 -17.27
CA GLN B 26 -6.28 8.62 -16.89
C GLN B 26 -6.81 10.03 -17.09
N ASP B 27 -7.75 10.17 -18.01
CA ASP B 27 -8.33 11.47 -18.35
C ASP B 27 -9.83 11.24 -18.30
N PRO B 28 -10.59 11.95 -17.46
CA PRO B 28 -10.18 13.14 -16.68
C PRO B 28 -9.61 12.88 -15.29
N GLU B 29 -9.46 11.63 -14.87
CA GLU B 29 -9.23 11.37 -13.44
C GLU B 29 -7.90 11.93 -12.93
N SER B 30 -6.89 12.08 -13.79
CA SER B 30 -5.62 12.64 -13.31
C SER B 30 -5.60 14.16 -13.29
N LEU B 31 -6.58 14.82 -13.90
CA LEU B 31 -6.54 16.28 -14.02
C LEU B 31 -6.42 17.00 -12.68
N PRO B 32 -7.07 16.58 -11.59
CA PRO B 32 -6.89 17.29 -10.30
C PRO B 32 -5.51 17.15 -9.71
N PHE B 33 -4.67 16.29 -10.26
CA PHE B 33 -3.45 15.85 -9.62
C PHE B 33 -2.20 16.20 -10.38
N ARG B 34 -2.31 16.87 -11.52
CA ARG B 34 -1.16 17.07 -12.38
C ARG B 34 -0.27 18.22 -11.94
N GLN B 35 -0.77 19.14 -11.12
CA GLN B 35 0.00 20.25 -10.58
C GLN B 35 -0.33 20.38 -9.11
N PRO B 36 0.50 21.09 -8.33
CA PRO B 36 0.19 21.28 -6.91
C PRO B 36 -1.12 22.04 -6.72
N VAL B 37 -1.85 21.66 -5.67
CA VAL B 37 -3.07 22.37 -5.29
C VAL B 37 -2.71 23.79 -4.88
N ASP B 38 -3.34 24.76 -5.53
CA ASP B 38 -3.25 26.17 -5.15
C ASP B 38 -4.61 26.53 -4.56
N PRO B 39 -4.74 26.66 -3.24
CA PRO B 39 -6.09 26.87 -2.66
C PRO B 39 -6.75 28.16 -3.10
N GLN B 40 -5.97 29.20 -3.36
CA GLN B 40 -6.57 30.44 -3.83
C GLN B 40 -7.14 30.29 -5.22
N LEU B 41 -6.39 29.64 -6.13
CA LEU B 41 -6.87 29.46 -7.50
C LEU B 41 -8.06 28.53 -7.56
N LEU B 42 -8.12 27.54 -6.67
CA LEU B 42 -9.17 26.54 -6.74
C LEU B 42 -10.38 26.88 -5.88
N GLY B 43 -10.34 27.97 -5.13
CA GLY B 43 -11.48 28.35 -4.31
C GLY B 43 -11.70 27.43 -3.13
N ILE B 44 -10.64 26.90 -2.56
CA ILE B 44 -10.72 25.99 -1.41
C ILE B 44 -9.77 26.53 -0.34
N PRO B 45 -10.07 27.70 0.24
CA PRO B 45 -9.08 28.37 1.10
C PRO B 45 -8.73 27.62 2.38
N ASP B 46 -9.51 26.63 2.78
CA ASP B 46 -9.18 25.86 3.96
C ASP B 46 -8.25 24.69 3.69
N TYR B 47 -7.78 24.53 2.45
CA TYR B 47 -7.08 23.30 2.06
C TYR B 47 -5.88 23.01 2.96
N PHE B 48 -4.99 24.00 3.14
CA PHE B 48 -3.77 23.75 3.92
C PHE B 48 -4.03 23.67 5.42
N ASP B 49 -5.22 24.03 5.88
CA ASP B 49 -5.58 23.74 7.27
C ASP B 49 -5.81 22.25 7.47
N ILE B 50 -6.11 21.52 6.40
CA ILE B 50 -6.43 20.11 6.45
C ILE B 50 -5.28 19.27 5.91
N VAL B 51 -4.65 19.70 4.82
CA VAL B 51 -3.56 18.98 4.16
C VAL B 51 -2.26 19.69 4.50
N LYS B 52 -1.46 19.05 5.37
CA LYS B 52 -0.23 19.65 5.87
C LYS B 52 0.99 19.24 5.08
N ASN B 53 0.92 18.14 4.33
N ASN B 53 0.88 18.19 4.27
CA ASN B 53 2.05 17.63 3.55
CA ASN B 53 2.01 17.58 3.57
C ASN B 53 1.56 17.39 2.14
C ASN B 53 1.61 17.37 2.11
N PRO B 54 1.51 18.44 1.31
CA PRO B 54 0.96 18.31 -0.04
C PRO B 54 1.84 17.44 -0.94
N MET B 55 1.20 16.84 -1.94
CA MET B 55 1.92 16.04 -2.92
C MET B 55 1.07 15.97 -4.19
N ASP B 56 1.73 15.86 -5.34
CA ASP B 56 1.02 15.81 -6.61
C ASP B 56 1.91 15.13 -7.64
N LEU B 57 1.33 14.89 -8.82
CA LEU B 57 2.06 14.14 -9.87
C LEU B 57 3.28 14.89 -10.37
N SER B 58 3.19 16.20 -10.53
CA SER B 58 4.34 16.93 -11.07
C SER B 58 5.55 16.80 -10.15
N THR B 59 5.30 16.82 -8.84
CA THR B 59 6.41 16.69 -7.89
C THR B 59 7.00 15.29 -7.93
N ILE B 60 6.14 14.28 -7.97
CA ILE B 60 6.60 12.90 -8.07
C ILE B 60 7.39 12.69 -9.35
N LYS B 61 6.87 13.20 -10.47
CA LYS B 61 7.56 13.04 -11.75
C LYS B 61 8.93 13.67 -11.72
N ARG B 62 9.05 14.88 -11.17
CA ARG B 62 10.35 15.55 -11.10
C ARG B 62 11.32 14.77 -10.22
N LYS B 63 10.83 14.19 -9.11
CA LYS B 63 11.70 13.41 -8.23
C LYS B 63 12.20 12.16 -8.93
N LEU B 64 11.33 11.50 -9.70
CA LEU B 64 11.73 10.31 -10.44
C LEU B 64 12.69 10.66 -11.57
N ASP B 65 12.45 11.77 -12.27
CA ASP B 65 13.29 12.16 -13.40
C ASP B 65 14.67 12.60 -12.95
N THR B 66 14.80 13.09 -11.73
CA THR B 66 16.09 13.55 -11.20
C THR B 66 16.70 12.57 -10.21
N GLY B 67 16.20 11.34 -10.15
CA GLY B 67 16.82 10.31 -9.32
C GLY B 67 16.79 10.56 -7.84
N GLN B 68 15.71 11.18 -7.32
CA GLN B 68 15.66 11.54 -5.92
C GLN B 68 15.07 10.46 -5.02
N TYR B 69 14.62 9.34 -5.58
CA TYR B 69 14.18 8.20 -4.79
C TYR B 69 15.33 7.20 -4.68
N GLN B 70 15.68 6.82 -3.45
CA GLN B 70 16.76 5.85 -3.26
C GLN B 70 16.28 4.42 -3.45
N GLU B 71 15.02 4.14 -3.14
CA GLU B 71 14.48 2.79 -3.24
C GLU B 71 12.98 2.91 -3.51
N PRO B 72 12.36 1.87 -4.09
CA PRO B 72 11.02 2.09 -4.68
C PRO B 72 9.91 2.38 -3.68
N TRP B 73 10.05 1.95 -2.42
CA TRP B 73 8.99 2.24 -1.46
C TRP B 73 8.86 3.73 -1.16
N GLN B 74 9.90 4.52 -1.43
CA GLN B 74 9.79 5.97 -1.28
C GLN B 74 8.87 6.56 -2.33
N TYR B 75 8.92 6.02 -3.55
CA TYR B 75 8.01 6.45 -4.59
C TYR B 75 6.57 6.06 -4.26
N VAL B 76 6.37 4.82 -3.82
CA VAL B 76 5.05 4.38 -3.39
C VAL B 76 4.51 5.30 -2.30
N ASP B 77 5.38 5.69 -1.35
CA ASP B 77 5.01 6.59 -0.25
C ASP B 77 4.45 7.92 -0.78
N ASP B 78 5.14 8.55 -1.73
CA ASP B 78 4.67 9.82 -2.26
C ASP B 78 3.35 9.66 -3.02
N VAL B 79 3.19 8.59 -3.79
CA VAL B 79 1.96 8.39 -4.54
C VAL B 79 0.79 8.25 -3.58
N TRP B 80 0.95 7.41 -2.54
CA TRP B 80 -0.12 7.24 -1.56
C TRP B 80 -0.36 8.49 -0.74
N LEU B 81 0.67 9.30 -0.47
CA LEU B 81 0.45 10.57 0.21
C LEU B 81 -0.49 11.45 -0.62
N MET B 82 -0.24 11.51 -1.94
CA MET B 82 -1.11 12.26 -2.83
C MET B 82 -2.55 11.75 -2.76
N PHE B 83 -2.74 10.43 -2.80
CA PHE B 83 -4.09 9.88 -2.74
C PHE B 83 -4.73 10.18 -1.39
N ASN B 84 -3.98 9.96 -0.31
CA ASN B 84 -4.53 10.12 1.04
C ASN B 84 -4.93 11.58 1.28
N ASN B 85 -4.13 12.52 0.80
CA ASN B 85 -4.50 13.93 0.93
C ASN B 85 -5.84 14.20 0.25
N ALA B 86 -6.05 13.64 -0.94
CA ALA B 86 -7.28 13.93 -1.67
C ALA B 86 -8.49 13.26 -1.02
N TRP B 87 -8.31 12.05 -0.50
CA TRP B 87 -9.42 11.41 0.20
C TRP B 87 -9.70 12.12 1.51
N LEU B 88 -8.69 12.68 2.16
CA LEU B 88 -8.93 13.42 3.39
C LEU B 88 -9.69 14.71 3.12
N TYR B 89 -9.26 15.47 2.12
CA TYR B 89 -9.83 16.81 1.93
C TYR B 89 -11.19 16.76 1.26
N ASN B 90 -11.35 15.95 0.22
CA ASN B 90 -12.55 15.96 -0.60
C ASN B 90 -13.60 15.04 -0.01
N ARG B 91 -14.85 15.39 -0.22
CA ARG B 91 -15.93 14.61 0.34
C ARG B 91 -16.12 13.32 -0.46
N LYS B 92 -16.65 12.28 0.21
CA LYS B 92 -16.71 10.95 -0.37
C LYS B 92 -17.56 10.92 -1.65
N THR B 93 -18.56 11.78 -1.74
CA THR B 93 -19.41 11.83 -2.92
C THR B 93 -18.88 12.78 -3.98
N SER B 94 -17.74 13.42 -3.77
CA SER B 94 -17.26 14.44 -4.70
C SER B 94 -16.55 13.82 -5.90
N ARG B 95 -16.54 14.60 -6.98
CA ARG B 95 -15.83 14.20 -8.19
C ARG B 95 -14.35 13.92 -7.93
N VAL B 96 -13.67 14.81 -7.20
CA VAL B 96 -12.23 14.63 -7.04
C VAL B 96 -11.93 13.38 -6.23
N TYR B 97 -12.77 13.09 -5.22
CA TYR B 97 -12.57 11.86 -4.44
C TYR B 97 -12.72 10.63 -5.33
N LYS B 98 -13.74 10.62 -6.20
N LYS B 98 -13.77 10.62 -6.16
CA LYS B 98 -13.93 9.47 -7.07
CA LYS B 98 -13.99 9.53 -7.10
C LYS B 98 -12.84 9.37 -8.12
C LYS B 98 -12.79 9.37 -8.04
N PHE B 99 -12.31 10.50 -8.60
CA PHE B 99 -11.16 10.46 -9.49
C PHE B 99 -9.94 9.88 -8.78
N CYS B 100 -9.73 10.29 -7.52
CA CYS B 100 -8.63 9.74 -6.73
C CYS B 100 -8.74 8.23 -6.62
N SER B 101 -9.94 7.74 -6.31
CA SER B 101 -10.14 6.30 -6.17
C SER B 101 -9.80 5.57 -7.47
N LYS B 102 -10.17 6.14 -8.61
CA LYS B 102 -9.81 5.52 -9.88
C LYS B 102 -8.29 5.44 -10.03
N LEU B 103 -7.59 6.54 -9.72
CA LEU B 103 -6.13 6.52 -9.83
C LEU B 103 -5.53 5.48 -8.90
N ALA B 104 -6.08 5.34 -7.70
CA ALA B 104 -5.52 4.37 -6.76
C ALA B 104 -5.74 2.93 -7.24
N GLU B 105 -6.91 2.64 -7.84
CA GLU B 105 -7.12 1.32 -8.41
C GLU B 105 -6.10 1.05 -9.51
N VAL B 106 -5.90 2.01 -10.42
CA VAL B 106 -4.92 1.86 -11.48
C VAL B 106 -3.53 1.66 -10.89
N PHE B 107 -3.18 2.48 -9.89
CA PHE B 107 -1.84 2.40 -9.34
C PHE B 107 -1.57 1.03 -8.73
N GLU B 108 -2.51 0.53 -7.92
CA GLU B 108 -2.28 -0.76 -7.26
C GLU B 108 -2.10 -1.87 -8.29
N GLN B 109 -2.88 -1.84 -9.38
CA GLN B 109 -2.75 -2.85 -10.41
C GLN B 109 -1.39 -2.76 -11.11
N GLU B 110 -0.88 -1.54 -11.31
CA GLU B 110 0.38 -1.37 -12.04
C GLU B 110 1.59 -1.59 -11.14
N ILE B 111 1.50 -1.17 -9.89
CA ILE B 111 2.70 -1.15 -9.04
C ILE B 111 3.03 -2.55 -8.54
N ASP B 112 2.02 -3.40 -8.36
CA ASP B 112 2.24 -4.75 -7.81
C ASP B 112 3.26 -5.55 -8.61
N PRO B 113 3.08 -5.79 -9.92
CA PRO B 113 4.10 -6.57 -10.65
C PRO B 113 5.44 -5.87 -10.70
N VAL B 114 5.46 -4.54 -10.68
CA VAL B 114 6.72 -3.81 -10.79
C VAL B 114 7.53 -3.93 -9.50
N MET B 115 6.88 -3.73 -8.36
CA MET B 115 7.59 -3.89 -7.08
C MET B 115 8.11 -5.31 -6.92
N GLN B 116 7.33 -6.30 -7.36
CA GLN B 116 7.76 -7.69 -7.24
C GLN B 116 9.01 -7.96 -8.07
N SER B 117 9.15 -7.28 -9.21
CA SER B 117 10.31 -7.49 -10.05
C SER B 117 11.54 -6.69 -9.59
N LEU B 118 11.37 -5.77 -8.65
CA LEU B 118 12.45 -4.86 -8.26
C LEU B 118 13.14 -5.25 -6.97
N GLY B 119 12.43 -5.89 -6.04
CA GLY B 119 13.01 -6.24 -4.74
C GLY B 119 13.69 -7.59 -4.73
CAA E2T C . -14.97 1.70 7.66
CAB E2T C . -8.97 -3.56 8.19
CAC E2T C . -7.43 0.14 4.42
CAD E2T C . -7.17 3.04 0.46
CAH E2T C . -15.43 -3.29 -1.69
CAI E2T C . -16.50 -3.50 -0.94
CAJ E2T C . -14.44 -2.84 -0.88
CAK E2T C . -12.24 -1.78 8.96
CAL E2T C . -13.19 -1.03 8.29
CAM E2T C . -12.60 -1.37 3.85
CAN E2T C . -11.25 -0.41 2.12
CAO E2T C . -10.62 -0.14 4.39
CAP E2T C . -10.98 -1.92 6.92
CAQ E2T C . -15.14 0.36 6.94
CAV E2T C . -10.19 -3.06 8.97
CAW E2T C . -14.29 -2.37 1.53
CAX E2T C . -12.37 -1.14 2.48
CAY E2T C . -11.11 -2.25 8.28
CAZ E2T C . -11.72 -0.88 4.83
CBA E2T C . -10.34 0.12 3.04
CBB E2T C . -7.97 0.85 3.16
CBC E2T C . -13.04 -0.70 6.94
CBD E2T C . -14.90 -2.74 0.37
CBE E2T C . -11.93 -1.14 6.22
CBF E2T C . -9.21 0.84 2.61
CBG E2T C . -9.08 1.64 1.51
NAR E2T C . -13.17 -1.61 1.44
NBH E2T C . -7.83 2.13 1.43
OAE E2T C . -10.38 -3.49 10.11
OAF E2T C . -14.81 -2.68 2.60
OAG E2T C . -9.95 1.94 0.68
OAS E2T C . -13.94 0.06 6.23
OAT E2T C . -16.18 -3.18 0.37
OAU E2T C . -7.12 1.64 2.47
C1 EDO D . -4.54 4.36 3.00
O1 EDO D . -5.48 5.22 2.37
C2 EDO D . -4.32 4.89 4.41
O2 EDO D . -3.26 4.17 5.03
CAA E2T E . -11.95 22.96 -6.39
CAB E2T E . -6.16 17.42 -5.51
CAC E2T E . -4.38 21.03 -9.37
CAD E2T E . -3.92 23.95 -13.28
CAH E2T E . -12.39 17.91 -15.53
CAI E2T E . -13.42 17.52 -14.79
CAJ E2T E . -11.43 18.39 -14.72
CAK E2T E . -9.34 19.40 -4.88
CAL E2T E . -10.24 20.17 -5.59
CAM E2T E . -9.55 19.70 -9.99
CAN E2T E . -8.14 20.60 -11.72
CAO E2T E . -7.52 20.88 -9.45
CAP E2T E . -7.99 19.19 -6.88
CAQ E2T E . -12.12 21.61 -7.05
CAV E2T E . -7.33 18.07 -4.77
CAW E2T E . -11.25 18.70 -12.30
CAX E2T E . -9.32 19.90 -11.36
CAY E2T E . -8.20 18.90 -5.50
CAZ E2T E . -8.66 20.20 -9.02
CBA E2T E . -7.22 21.12 -10.80
CBB E2T E . -4.85 21.76 -10.62
CBC E2T E . -10.03 20.45 -6.95
CBD E2T E . -11.86 18.34 -13.45
CBE E2T E . -8.90 19.97 -7.62
CBF E2T E . -6.07 21.80 -11.21
CBG E2T E . -5.89 22.61 -12.30
NAR E2T E . -10.10 19.44 -12.40
NBH E2T E . -4.62 23.06 -12.33
OAE E2T E . -7.55 17.71 -3.61
OAF E2T E . -11.73 18.32 -11.23
OAG E2T E . -6.71 22.96 -13.15
OAS E2T E . -10.89 21.21 -7.70
OAT E2T E . -13.08 17.77 -13.46
OAU E2T E . -3.96 22.51 -11.30
C1 EDO F . -3.51 12.63 4.59
O1 EDO F . -2.26 12.40 3.96
C2 EDO F . -3.68 11.63 5.74
O2 EDO F . -2.77 12.01 6.78
#